data_4HVG
#
_entry.id   4HVG
#
_cell.length_a   47.520
_cell.length_b   75.555
_cell.length_c   89.384
_cell.angle_alpha   90.00
_cell.angle_beta   90.00
_cell.angle_gamma   90.00
#
_symmetry.space_group_name_H-M   'P 21 21 21'
#
loop_
_entity.id
_entity.type
_entity.pdbx_description
1 polymer 'Tyrosine-protein kinase JAK3'
2 non-polymer 2-cyclopropyl-N-[(2S)-3-hydroxy-3-methylbutan-2-yl]-5H-pyrrolo[2,3-b]pyrazine-7-carboxamide
3 water water
#
_entity_poly.entity_id   1
_entity_poly.type   'polypeptide(L)'
_entity_poly.pdbx_seq_one_letter_code
;CQDPTIFEERHLKYISQLGKGNFGSVELCRYDPLGDNTGALVAVKQLQHSGPDQQRDFQREIQILKALHSDFIVKYRGVS
YGPGRQSLRLVMEYLPSGCLRDFLQRHRARLDASRLLLYSSQICKGMEYLGSRRCVHRDLAARNILVESEAHVKIADFGL
AKLLPLDKDYYVVREPGQSPIFWYAPESLSDNIFSRQSDVWSFGVVLYELFTYCDKSCSPSAEFLRMMGSERDVPALSRL
LELLEEGQRLPAPPACPAEVHELMKLCWAPSPQDRPSFSALGPQLDMLWSGSRGCETHAFTAHPEGKHHSLSFS
;
_entity_poly.pdbx_strand_id   A
#
# COMPACT_ATOMS: atom_id res chain seq x y z
N PRO A 4 -12.31 22.90 3.69
CA PRO A 4 -13.73 22.54 3.86
C PRO A 4 -13.92 21.03 3.69
N THR A 5 -15.13 20.48 3.82
CA THR A 5 -15.34 19.11 3.25
C THR A 5 -15.66 19.18 1.77
N ILE A 6 -16.10 20.37 1.32
CA ILE A 6 -16.45 20.55 -0.08
C ILE A 6 -15.57 21.61 -0.73
N PHE A 7 -14.93 21.23 -1.83
CA PHE A 7 -14.04 22.08 -2.59
C PHE A 7 -14.69 22.48 -3.94
N GLU A 8 -14.61 23.75 -4.26
CA GLU A 8 -15.13 24.25 -5.51
C GLU A 8 -14.05 24.03 -6.55
N GLU A 9 -14.41 23.45 -7.70
CA GLU A 9 -13.36 23.14 -8.66
C GLU A 9 -12.60 24.37 -9.11
N ARG A 10 -13.34 25.46 -9.31
CA ARG A 10 -12.73 26.69 -9.80
C ARG A 10 -11.58 27.17 -8.90
N HIS A 11 -11.58 26.79 -7.63
CA HIS A 11 -10.53 27.17 -6.68
C HIS A 11 -9.36 26.22 -6.58
N LEU A 12 -9.56 24.96 -6.96
CA LEU A 12 -8.45 24.02 -7.05
C LEU A 12 -7.56 24.35 -8.25
N LYS A 13 -6.31 24.73 -8.01
CA LYS A 13 -5.44 25.14 -9.09
C LYS A 13 -4.32 24.15 -9.35
N TYR A 14 -4.19 23.76 -10.61
CA TYR A 14 -3.29 22.68 -11.02
C TYR A 14 -1.79 23.02 -10.88
N ILE A 15 -0.98 22.09 -10.38
CA ILE A 15 0.48 22.26 -10.33
C ILE A 15 1.31 21.20 -11.07
N SER A 16 1.02 19.91 -10.92
CA SER A 16 1.86 18.84 -11.59
C SER A 16 1.26 17.44 -11.49
N GLN A 17 1.86 16.45 -12.12
CA GLN A 17 1.40 15.10 -11.90
C GLN A 17 2.11 14.52 -10.69
N LEU A 18 1.39 13.74 -9.89
CA LEU A 18 1.99 12.96 -8.81
C LEU A 18 1.94 11.44 -9.07
N GLY A 19 0.92 10.98 -9.77
CA GLY A 19 0.81 9.57 -10.05
C GLY A 19 -0.30 9.19 -11.00
N LYS A 20 -0.18 7.97 -11.55
CA LYS A 20 -1.17 7.35 -12.45
C LYS A 20 -1.56 6.00 -11.85
N GLY A 21 -2.68 5.43 -12.29
CA GLY A 21 -3.20 4.23 -11.62
C GLY A 21 -4.52 3.74 -12.15
N ASN A 22 -4.48 2.54 -12.72
CA ASN A 22 -5.59 1.95 -13.48
C ASN A 22 -6.26 2.93 -14.45
N PHE A 23 -7.20 3.74 -13.98
CA PHE A 23 -7.86 4.72 -14.85
C PHE A 23 -7.88 6.12 -14.24
N GLY A 24 -7.13 6.27 -13.15
CA GLY A 24 -7.10 7.49 -12.36
C GLY A 24 -5.74 8.13 -12.19
N SER A 25 -5.73 9.45 -12.28
CA SER A 25 -4.54 10.20 -11.92
C SER A 25 -4.78 10.87 -10.57
N VAL A 26 -3.67 11.20 -9.91
CA VAL A 26 -3.61 12.02 -8.72
C VAL A 26 -2.74 13.21 -9.10
N GLU A 27 -3.20 14.42 -8.77
CA GLU A 27 -2.45 15.65 -9.10
C GLU A 27 -2.13 16.46 -7.87
N LEU A 28 -1.01 17.16 -7.88
CA LEU A 28 -0.75 18.23 -6.93
C LEU A 28 -1.54 19.44 -7.39
N CYS A 29 -2.39 19.95 -6.50
CA CYS A 29 -3.10 21.20 -6.72
C CYS A 29 -2.92 22.14 -5.55
N ARG A 30 -3.00 23.45 -5.81
CA ARG A 30 -3.16 24.41 -4.73
C ARG A 30 -4.64 24.71 -4.60
N TYR A 31 -5.17 24.64 -3.39
CA TYR A 31 -6.53 25.10 -3.18
C TYR A 31 -6.52 26.62 -2.91
N ASP A 32 -6.82 27.43 -3.93
CA ASP A 32 -6.60 28.86 -3.83
C ASP A 32 -7.80 29.80 -4.01
N PRO A 33 -8.73 29.81 -3.02
CA PRO A 33 -9.91 30.70 -3.08
C PRO A 33 -9.58 32.19 -3.24
N LEU A 34 -8.41 32.63 -2.76
CA LEU A 34 -8.04 34.02 -2.96
C LEU A 34 -7.45 34.24 -4.36
N GLY A 35 -6.75 33.24 -4.89
CA GLY A 35 -6.14 33.38 -6.21
C GLY A 35 -4.76 34.06 -6.18
N ASP A 36 -4.10 33.99 -5.01
CA ASP A 36 -2.85 34.72 -4.74
C ASP A 36 -1.64 33.82 -4.38
N ASN A 37 -1.77 32.52 -4.69
CA ASN A 37 -0.76 31.51 -4.37
C ASN A 37 -0.51 31.29 -2.87
N THR A 38 -1.37 31.81 -2.01
CA THR A 38 -1.18 31.57 -0.57
C THR A 38 -2.00 30.39 -0.04
N GLY A 39 -2.72 29.68 -0.90
CA GLY A 39 -3.54 28.58 -0.44
C GLY A 39 -2.74 27.30 -0.22
N ALA A 40 -3.34 26.40 0.55
CA ALA A 40 -2.75 25.10 0.90
C ALA A 40 -2.60 24.13 -0.29
N LEU A 41 -1.65 23.21 -0.15
CA LEU A 41 -1.45 22.17 -1.12
C LEU A 41 -2.28 20.93 -0.82
N VAL A 42 -2.73 20.30 -1.89
CA VAL A 42 -3.62 19.14 -1.78
C VAL A 42 -3.34 18.17 -2.92
N ALA A 43 -3.60 16.90 -2.66
CA ALA A 43 -3.38 15.86 -3.63
C ALA A 43 -4.78 15.49 -4.07
N VAL A 44 -5.06 15.69 -5.35
CA VAL A 44 -6.40 15.53 -5.89
C VAL A 44 -6.44 14.39 -6.92
N LYS A 45 -7.26 13.38 -6.60
CA LYS A 45 -7.48 12.25 -7.48
C LYS A 45 -8.76 12.39 -8.30
N GLN A 46 -8.62 12.25 -9.61
CA GLN A 46 -9.75 12.07 -10.53
C GLN A 46 -9.53 10.84 -11.40
N LEU A 47 -10.64 10.32 -11.87
CA LEU A 47 -10.71 9.29 -12.86
C LEU A 47 -10.51 9.94 -14.20
N GLN A 48 -9.86 9.23 -15.11
CA GLN A 48 -9.68 9.73 -16.49
C GLN A 48 -10.49 8.91 -17.50
N HIS A 49 -11.44 8.12 -17.00
CA HIS A 49 -12.38 7.36 -17.83
C HIS A 49 -13.79 7.40 -17.24
N SER A 50 -14.79 7.65 -18.11
CA SER A 50 -16.19 7.96 -17.69
C SER A 50 -17.26 6.87 -17.90
N GLY A 51 -16.85 5.60 -17.77
CA GLY A 51 -17.79 4.47 -17.88
C GLY A 51 -18.48 4.16 -16.57
N PRO A 52 -19.12 2.98 -16.49
CA PRO A 52 -19.96 2.69 -15.34
C PRO A 52 -19.17 2.20 -14.12
N ASP A 53 -18.56 1.02 -14.25
CA ASP A 53 -17.97 0.25 -13.14
C ASP A 53 -16.75 0.88 -12.47
N GLN A 54 -16.06 1.73 -13.21
CA GLN A 54 -14.83 2.38 -12.79
C GLN A 54 -15.22 3.65 -12.03
N GLN A 55 -16.37 4.23 -12.40
CA GLN A 55 -16.98 5.39 -11.70
C GLN A 55 -17.63 5.02 -10.35
N ARG A 56 -18.29 3.87 -10.31
CA ARG A 56 -18.90 3.33 -9.08
C ARG A 56 -17.79 2.91 -8.11
N ASP A 57 -16.71 2.38 -8.66
CA ASP A 57 -15.58 1.90 -7.88
C ASP A 57 -14.87 3.05 -7.23
N PHE A 58 -14.88 4.18 -7.95
CA PHE A 58 -14.19 5.35 -7.50
C PHE A 58 -14.97 5.96 -6.36
N GLN A 59 -16.30 6.05 -6.53
CA GLN A 59 -17.21 6.49 -5.45
C GLN A 59 -16.98 5.69 -4.17
N ARG A 60 -16.87 4.36 -4.31
CA ARG A 60 -16.60 3.47 -3.18
C ARG A 60 -15.29 3.84 -2.47
N GLU A 61 -14.20 3.87 -3.23
CA GLU A 61 -12.91 4.31 -2.74
C GLU A 61 -13.00 5.58 -1.90
N ILE A 62 -13.88 6.50 -2.31
CA ILE A 62 -14.13 7.74 -1.57
C ILE A 62 -14.86 7.44 -0.25
N GLN A 63 -15.97 6.70 -0.33
CA GLN A 63 -16.71 6.20 0.84
C GLN A 63 -15.79 5.51 1.86
N ILE A 64 -15.01 4.55 1.36
CA ILE A 64 -13.99 3.88 2.18
C ILE A 64 -13.00 4.87 2.85
N LEU A 65 -12.26 5.65 2.07
CA LEU A 65 -11.26 6.56 2.66
C LEU A 65 -11.84 7.66 3.57
N LYS A 66 -13.04 8.15 3.25
CA LYS A 66 -13.73 9.11 4.10
C LYS A 66 -13.92 8.58 5.50
N ALA A 67 -14.28 7.28 5.58
CA ALA A 67 -14.67 6.60 6.83
C ALA A 67 -13.49 5.98 7.55
N LEU A 68 -12.29 6.38 7.16
CA LEU A 68 -11.05 5.86 7.75
C LEU A 68 -10.28 6.90 8.54
N HIS A 69 -10.15 6.71 9.85
CA HIS A 69 -9.43 7.71 10.68
C HIS A 69 -8.20 7.18 11.43
N SER A 70 -7.02 7.36 10.86
CA SER A 70 -5.81 6.78 11.46
C SER A 70 -4.56 7.58 11.13
N ASP A 71 -3.69 7.74 12.12
CA ASP A 71 -2.41 8.40 11.88
C ASP A 71 -1.58 7.78 10.75
N PHE A 72 -1.87 6.50 10.48
CA PHE A 72 -1.10 5.69 9.54
C PHE A 72 -1.91 5.36 8.27
N ILE A 73 -3.02 6.09 8.11
CA ILE A 73 -3.70 6.11 6.82
C ILE A 73 -3.75 7.51 6.19
N VAL A 74 -3.49 7.58 4.89
CA VAL A 74 -3.50 8.86 4.16
C VAL A 74 -4.80 9.56 4.52
N LYS A 75 -4.78 10.88 4.61
CA LYS A 75 -5.93 11.60 5.16
C LYS A 75 -6.83 12.16 4.09
N TYR A 76 -8.11 11.85 4.21
CA TYR A 76 -9.15 12.42 3.39
C TYR A 76 -9.44 13.87 3.84
N ARG A 77 -9.56 14.79 2.86
CA ARG A 77 -9.91 16.18 3.19
C ARG A 77 -11.28 16.62 2.67
N GLY A 78 -11.74 16.01 1.57
CA GLY A 78 -13.05 16.31 1.00
C GLY A 78 -13.21 15.78 -0.40
N VAL A 79 -14.32 16.15 -1.05
CA VAL A 79 -14.49 15.93 -2.50
C VAL A 79 -14.84 17.25 -3.17
N SER A 80 -14.75 17.28 -4.50
CA SER A 80 -15.38 18.34 -5.28
C SER A 80 -16.18 17.79 -6.48
N TYR A 81 -17.13 18.59 -6.96
CA TYR A 81 -18.08 18.20 -8.02
C TYR A 81 -18.04 19.09 -9.28
N GLY A 82 -18.44 18.50 -10.42
CA GLY A 82 -18.65 19.26 -11.66
C GLY A 82 -20.13 19.35 -11.99
N PRO A 83 -20.75 18.22 -12.35
CA PRO A 83 -22.20 18.15 -12.47
C PRO A 83 -22.79 17.08 -11.52
N LEU A 88 -16.90 13.53 -7.99
CA LEU A 88 -16.09 13.65 -9.24
C LEU A 88 -14.58 13.79 -8.97
N ARG A 89 -14.17 14.57 -7.97
CA ARG A 89 -12.74 14.59 -7.56
C ARG A 89 -12.57 14.31 -6.07
N LEU A 90 -11.49 13.62 -5.73
CA LEU A 90 -11.17 13.28 -4.32
C LEU A 90 -9.98 14.08 -3.85
N VAL A 91 -10.12 14.76 -2.72
CA VAL A 91 -9.10 15.70 -2.31
C VAL A 91 -8.53 15.13 -1.05
N MET A 92 -7.19 15.09 -0.98
CA MET A 92 -6.47 14.41 0.09
C MET A 92 -5.33 15.27 0.63
N GLU A 93 -4.85 14.94 1.83
CA GLU A 93 -3.68 15.65 2.33
C GLU A 93 -2.53 15.37 1.39
N TYR A 94 -1.56 16.30 1.32
CA TYR A 94 -0.42 16.16 0.42
C TYR A 94 0.85 15.96 1.25
N LEU A 95 1.63 14.95 0.87
CA LEU A 95 2.84 14.58 1.60
C LEU A 95 4.08 14.83 0.71
N PRO A 96 4.75 15.97 0.92
CA PRO A 96 5.80 16.39 -0.02
C PRO A 96 6.93 15.37 -0.17
N SER A 97 7.22 14.58 0.87
CA SER A 97 8.34 13.63 0.84
C SER A 97 7.98 12.46 -0.06
N GLY A 98 6.70 12.33 -0.34
CA GLY A 98 6.29 11.42 -1.36
C GLY A 98 6.40 9.96 -1.04
N CYS A 99 6.74 9.24 -2.07
CA CYS A 99 6.69 7.81 -2.09
C CYS A 99 7.78 7.23 -1.20
N LEU A 100 7.43 6.20 -0.45
CA LEU A 100 8.36 5.47 0.42
C LEU A 100 9.41 4.65 -0.35
N ARG A 101 8.97 3.98 -1.41
CA ARG A 101 9.86 3.21 -2.27
C ARG A 101 11.03 4.08 -2.69
N ASP A 102 10.73 5.32 -3.09
CA ASP A 102 11.73 6.29 -3.53
C ASP A 102 12.51 6.84 -2.34
N PHE A 103 11.78 7.21 -1.30
CA PHE A 103 12.37 7.80 -0.10
C PHE A 103 13.42 6.85 0.52
N LEU A 104 13.12 5.56 0.50
CA LEU A 104 14.04 4.52 0.97
C LEU A 104 15.32 4.48 0.14
N GLN A 105 15.17 4.63 -1.16
CA GLN A 105 16.31 4.64 -2.08
C GLN A 105 17.19 5.88 -1.88
N ARG A 106 16.59 7.04 -1.57
CA ARG A 106 17.35 8.28 -1.37
C ARG A 106 18.07 8.32 -0.01
N HIS A 107 17.39 7.91 1.05
CA HIS A 107 17.91 8.20 2.39
C HIS A 107 18.50 7.01 3.09
N ARG A 108 18.58 5.91 2.35
CA ARG A 108 19.34 4.71 2.69
C ARG A 108 20.44 4.89 3.77
N ALA A 109 21.42 5.74 3.55
CA ALA A 109 22.59 5.88 4.45
C ALA A 109 22.27 6.53 5.81
N ARG A 110 21.03 7.01 5.94
CA ARG A 110 20.52 7.69 7.13
C ARG A 110 19.54 6.83 7.95
N LEU A 111 19.32 5.57 7.56
CA LEU A 111 18.27 4.76 8.17
C LEU A 111 18.75 3.40 8.63
N ASP A 112 18.88 3.22 9.94
CA ASP A 112 19.20 1.92 10.49
C ASP A 112 17.97 1.04 10.58
N ALA A 113 18.19 -0.14 11.17
CA ALA A 113 17.15 -1.12 11.38
C ALA A 113 15.99 -0.64 12.27
N SER A 114 16.26 0.18 13.30
CA SER A 114 15.18 0.73 14.15
C SER A 114 14.12 1.38 13.32
N ARG A 115 14.56 2.24 12.42
CA ARG A 115 13.65 3.03 11.69
C ARG A 115 12.83 2.17 10.75
N LEU A 116 13.48 1.20 10.12
CA LEU A 116 12.77 0.27 9.24
C LEU A 116 11.69 -0.42 10.06
N LEU A 117 12.06 -0.79 11.30
CA LEU A 117 11.14 -1.45 12.24
C LEU A 117 10.04 -0.49 12.68
N LEU A 118 10.44 0.75 12.94
CA LEU A 118 9.48 1.81 13.22
C LEU A 118 8.45 1.92 12.06
N TYR A 119 8.92 2.02 10.82
CA TYR A 119 7.97 2.07 9.69
C TYR A 119 7.10 0.81 9.61
N SER A 120 7.76 -0.34 9.73
CA SER A 120 7.07 -1.63 9.76
C SER A 120 5.96 -1.65 10.79
N SER A 121 6.23 -1.14 11.98
CA SER A 121 5.25 -1.16 13.04
C SER A 121 4.06 -0.30 12.69
N GLN A 122 4.35 0.85 12.09
CA GLN A 122 3.36 1.86 11.73
C GLN A 122 2.48 1.34 10.63
N ILE A 123 3.08 0.67 9.65
CA ILE A 123 2.28 0.09 8.58
C ILE A 123 1.40 -1.07 9.12
N CYS A 124 1.96 -1.87 10.02
CA CYS A 124 1.25 -2.98 10.56
C CYS A 124 0.04 -2.37 11.30
N LYS A 125 0.29 -1.34 12.08
CA LYS A 125 -0.77 -0.75 12.89
C LYS A 125 -1.91 -0.23 12.00
N GLY A 126 -1.55 0.34 10.85
CA GLY A 126 -2.54 0.86 9.95
C GLY A 126 -3.31 -0.30 9.37
N MET A 127 -2.61 -1.37 9.01
CA MET A 127 -3.26 -2.56 8.50
C MET A 127 -4.13 -3.25 9.56
N GLU A 128 -3.69 -3.27 10.79
CA GLU A 128 -4.54 -3.76 11.87
C GLU A 128 -5.92 -3.06 11.81
N TYR A 129 -5.89 -1.73 11.83
CA TYR A 129 -7.08 -0.88 11.78
C TYR A 129 -7.95 -1.10 10.53
N LEU A 130 -7.28 -1.20 9.39
CA LEU A 130 -7.93 -1.45 8.12
C LEU A 130 -8.70 -2.75 8.23
N GLY A 131 -8.06 -3.76 8.80
CA GLY A 131 -8.69 -5.04 8.99
C GLY A 131 -9.92 -4.94 9.88
N SER A 132 -9.84 -4.11 10.92
CA SER A 132 -10.95 -3.96 11.85
C SER A 132 -12.14 -3.23 11.21
N ARG A 133 -11.91 -2.49 10.12
CA ARG A 133 -13.03 -1.88 9.38
C ARG A 133 -13.59 -2.81 8.26
N ARG A 134 -13.05 -4.04 8.21
CA ARG A 134 -13.37 -5.07 7.22
C ARG A 134 -12.83 -4.71 5.85
N CYS A 135 -11.77 -3.90 5.83
CA CYS A 135 -11.25 -3.40 4.58
C CYS A 135 -9.99 -4.15 4.19
N VAL A 136 -10.05 -4.79 3.04
CA VAL A 136 -8.88 -5.40 2.42
C VAL A 136 -8.28 -4.36 1.49
N HIS A 137 -6.97 -4.16 1.55
CA HIS A 137 -6.33 -3.12 0.73
C HIS A 137 -6.08 -3.57 -0.71
N ARG A 138 -5.54 -4.78 -0.86
CA ARG A 138 -5.40 -5.49 -2.15
C ARG A 138 -4.17 -5.11 -2.97
N ASP A 139 -3.54 -3.98 -2.63
CA ASP A 139 -2.39 -3.56 -3.38
C ASP A 139 -1.34 -2.95 -2.46
N LEU A 140 -1.04 -3.68 -1.39
CA LEU A 140 -0.06 -3.26 -0.41
C LEU A 140 1.35 -3.44 -0.97
N ALA A 141 2.19 -2.42 -0.90
CA ALA A 141 3.52 -2.43 -1.53
C ALA A 141 4.23 -1.11 -1.27
N ALA A 142 5.55 -1.12 -1.10
CA ALA A 142 6.27 0.13 -0.78
C ALA A 142 5.94 1.37 -1.62
N ARG A 143 5.65 1.18 -2.91
CA ARG A 143 5.30 2.29 -3.85
C ARG A 143 4.01 3.02 -3.48
N ASN A 144 3.16 2.30 -2.71
CA ASN A 144 1.85 2.77 -2.24
C ASN A 144 1.82 3.29 -0.78
N ILE A 145 3.00 3.46 -0.17
CA ILE A 145 3.09 3.99 1.19
C ILE A 145 3.71 5.40 1.11
N LEU A 146 3.08 6.37 1.74
CA LEU A 146 3.58 7.73 1.74
C LEU A 146 4.32 8.07 3.03
N VAL A 147 5.21 9.05 2.93
CA VAL A 147 6.02 9.53 4.04
C VAL A 147 5.51 10.87 4.62
N GLU A 148 4.95 10.85 5.83
CA GLU A 148 4.50 12.08 6.48
C GLU A 148 5.74 12.79 7.01
N SER A 149 6.72 12.02 7.47
CA SER A 149 7.98 12.60 7.91
C SER A 149 8.99 11.46 8.05
N GLU A 150 10.21 11.82 8.46
CA GLU A 150 11.35 10.93 8.59
C GLU A 150 10.98 9.78 9.55
N ALA A 151 10.10 10.08 10.53
CA ALA A 151 9.72 9.10 11.53
C ALA A 151 8.24 8.78 11.49
N HIS A 152 7.62 8.84 10.29
CA HIS A 152 6.17 8.63 10.13
C HIS A 152 5.74 8.23 8.70
N VAL A 153 5.09 7.07 8.58
CA VAL A 153 4.58 6.65 7.27
C VAL A 153 3.08 6.33 7.30
N LYS A 154 2.46 6.32 6.11
CA LYS A 154 1.00 6.20 5.95
C LYS A 154 0.65 5.39 4.70
N ILE A 155 -0.39 4.57 4.79
CA ILE A 155 -0.79 3.73 3.66
C ILE A 155 -1.67 4.58 2.77
N ALA A 156 -1.45 4.43 1.46
CA ALA A 156 -2.16 5.18 0.46
C ALA A 156 -2.71 4.23 -0.62
N ASP A 157 -3.23 4.85 -1.69
CA ASP A 157 -3.78 4.18 -2.85
C ASP A 157 -4.85 3.15 -2.57
N PHE A 158 -6.04 3.64 -2.24
CA PHE A 158 -7.19 2.75 -2.04
C PHE A 158 -7.96 2.39 -3.33
N GLY A 159 -7.30 2.55 -4.48
CA GLY A 159 -7.92 2.38 -5.77
C GLY A 159 -8.52 0.99 -5.97
N LEU A 160 -7.92 -0.01 -5.33
CA LEU A 160 -8.38 -1.38 -5.43
C LEU A 160 -8.96 -1.99 -4.12
N ALA A 161 -9.10 -1.18 -3.06
CA ALA A 161 -9.56 -1.69 -1.76
C ALA A 161 -11.01 -2.18 -1.81
N LYS A 162 -11.33 -3.22 -1.04
CA LYS A 162 -12.71 -3.74 -0.99
C LYS A 162 -13.19 -3.83 0.45
N LEU A 163 -14.48 -3.65 0.65
CA LEU A 163 -15.08 -3.91 1.93
C LEU A 163 -15.54 -5.38 1.96
N LEU A 164 -15.29 -6.08 3.06
CA LEU A 164 -15.70 -7.46 3.17
C LEU A 164 -17.13 -7.48 3.66
N PRO A 165 -18.01 -8.19 2.93
CA PRO A 165 -19.39 -8.36 3.39
C PRO A 165 -19.39 -8.97 4.78
N LEU A 166 -20.40 -8.70 5.60
CA LEU A 166 -20.41 -9.19 6.99
C LEU A 166 -20.28 -10.70 7.14
N ASP A 167 -20.69 -11.42 6.10
CA ASP A 167 -20.84 -12.87 6.19
C ASP A 167 -19.68 -13.65 5.57
N LYS A 168 -18.70 -12.94 4.99
CA LYS A 168 -17.54 -13.52 4.30
C LYS A 168 -16.25 -12.89 4.78
N ASP A 169 -15.14 -13.63 4.67
CA ASP A 169 -13.82 -13.09 5.02
C ASP A 169 -12.85 -12.98 3.82
N TYR A 170 -13.37 -13.11 2.60
CA TYR A 170 -12.55 -13.12 1.41
C TYR A 170 -13.34 -12.57 0.25
N TYR A 171 -12.63 -12.05 -0.75
CA TYR A 171 -13.24 -11.47 -1.95
C TYR A 171 -12.72 -12.25 -3.17
N VAL A 172 -13.58 -12.52 -4.14
CA VAL A 172 -13.10 -13.15 -5.37
C VAL A 172 -13.24 -12.17 -6.54
N VAL A 173 -12.10 -11.84 -7.15
CA VAL A 173 -12.05 -10.90 -8.27
C VAL A 173 -12.19 -11.67 -9.57
N ARG A 174 -13.09 -11.20 -10.43
CA ARG A 174 -13.45 -11.85 -11.70
C ARG A 174 -12.33 -11.81 -12.76
N GLU A 175 -11.87 -10.61 -13.06
CA GLU A 175 -10.84 -10.37 -14.05
C GLU A 175 -9.48 -10.58 -13.40
N PRO A 176 -8.40 -10.67 -14.21
CA PRO A 176 -7.05 -10.73 -13.63
C PRO A 176 -6.63 -9.43 -12.96
N GLY A 177 -5.64 -9.52 -12.08
CA GLY A 177 -4.97 -8.37 -11.50
C GLY A 177 -4.09 -7.66 -12.51
N GLN A 178 -3.68 -6.44 -12.17
CA GLN A 178 -2.91 -5.64 -13.10
C GLN A 178 -1.74 -4.98 -12.37
N SER A 179 -1.41 -5.52 -11.21
CA SER A 179 -0.27 -5.05 -10.40
C SER A 179 0.90 -6.00 -10.55
N PRO A 180 2.14 -5.50 -10.31
CA PRO A 180 3.25 -6.45 -10.40
C PRO A 180 3.01 -7.75 -9.59
N ILE A 181 3.21 -8.88 -10.25
CA ILE A 181 2.75 -10.17 -9.71
C ILE A 181 3.38 -10.57 -8.38
N PHE A 182 4.53 -9.96 -8.10
CA PHE A 182 5.40 -10.40 -7.05
C PHE A 182 4.96 -9.99 -5.65
N TRP A 183 3.86 -9.24 -5.54
CA TRP A 183 3.35 -8.93 -4.21
C TRP A 183 2.13 -9.78 -3.86
N TYR A 184 1.68 -10.59 -4.81
CA TYR A 184 0.44 -11.35 -4.70
C TYR A 184 0.61 -12.65 -3.97
N ALA A 185 -0.26 -12.89 -2.98
CA ALA A 185 -0.44 -14.21 -2.40
C ALA A 185 -0.70 -15.31 -3.45
N PRO A 186 -0.33 -16.56 -3.16
CA PRO A 186 -0.65 -17.69 -4.07
C PRO A 186 -2.12 -17.87 -4.36
N GLU A 187 -2.97 -17.68 -3.37
CA GLU A 187 -4.41 -17.88 -3.59
C GLU A 187 -4.97 -16.78 -4.53
N SER A 188 -4.33 -15.62 -4.53
CA SER A 188 -4.67 -14.55 -5.49
C SER A 188 -4.21 -14.92 -6.89
N LEU A 189 -3.02 -15.52 -6.97
CA LEU A 189 -2.44 -15.87 -8.27
C LEU A 189 -3.26 -16.94 -8.96
N SER A 190 -3.63 -17.95 -8.19
CA SER A 190 -4.41 -19.06 -8.69
C SER A 190 -5.91 -18.79 -8.79
N ASP A 191 -6.46 -18.03 -7.83
CA ASP A 191 -7.92 -18.02 -7.68
C ASP A 191 -8.55 -16.64 -7.54
N ASN A 192 -7.72 -15.60 -7.63
CA ASN A 192 -8.15 -14.19 -7.44
C ASN A 192 -8.89 -13.98 -6.12
N ILE A 193 -8.49 -14.76 -5.13
CA ILE A 193 -9.02 -14.65 -3.78
C ILE A 193 -8.17 -13.64 -3.05
N PHE A 194 -8.79 -12.57 -2.58
CA PHE A 194 -8.10 -11.58 -1.76
C PHE A 194 -8.76 -11.54 -0.40
N SER A 195 -7.95 -11.26 0.62
CA SER A 195 -8.44 -11.19 2.00
C SER A 195 -7.49 -10.43 2.93
N ARG A 196 -7.93 -10.18 4.15
CA ARG A 196 -7.06 -9.59 5.18
C ARG A 196 -5.76 -10.36 5.28
N GLN A 197 -5.82 -11.67 4.99
CA GLN A 197 -4.63 -12.52 5.00
C GLN A 197 -3.82 -12.49 3.70
N SER A 198 -4.43 -12.22 2.54
CA SER A 198 -3.60 -12.01 1.36
C SER A 198 -2.85 -10.70 1.60
N ASP A 199 -3.49 -9.73 2.26
CA ASP A 199 -2.82 -8.48 2.64
C ASP A 199 -1.61 -8.77 3.51
N VAL A 200 -1.71 -9.81 4.34
CA VAL A 200 -0.56 -10.16 5.17
C VAL A 200 0.57 -10.72 4.30
N TRP A 201 0.22 -11.53 3.30
CA TRP A 201 1.25 -12.04 2.42
C TRP A 201 2.09 -10.89 1.87
N SER A 202 1.42 -9.80 1.48
CA SER A 202 2.05 -8.72 0.74
C SER A 202 2.80 -7.86 1.72
N PHE A 203 2.27 -7.77 2.93
CA PHE A 203 3.00 -7.08 3.96
C PHE A 203 4.39 -7.72 4.16
N GLY A 204 4.45 -9.05 4.06
CA GLY A 204 5.75 -9.74 4.04
C GLY A 204 6.68 -9.12 3.01
N VAL A 205 6.17 -8.97 1.80
CA VAL A 205 6.95 -8.36 0.71
C VAL A 205 7.35 -6.89 0.98
N VAL A 206 6.47 -6.13 1.67
CA VAL A 206 6.77 -4.75 2.04
C VAL A 206 7.94 -4.67 3.03
N LEU A 207 7.99 -5.63 3.94
CA LEU A 207 9.09 -5.74 4.88
C LEU A 207 10.39 -6.01 4.16
N TYR A 208 10.33 -6.94 3.20
CA TYR A 208 11.46 -7.24 2.34
C TYR A 208 11.92 -5.96 1.62
N GLU A 209 10.96 -5.09 1.29
CA GLU A 209 11.25 -3.86 0.60
C GLU A 209 11.88 -2.91 1.56
N LEU A 210 11.37 -2.84 2.79
CA LEU A 210 11.99 -1.97 3.76
C LEU A 210 13.44 -2.35 3.90
N PHE A 211 13.71 -3.64 4.05
CA PHE A 211 15.06 -4.14 4.38
C PHE A 211 16.01 -4.37 3.21
N THR A 212 15.50 -4.14 2.00
CA THR A 212 16.36 -4.08 0.85
C THR A 212 16.44 -2.59 0.52
N TYR A 213 15.86 -1.76 1.37
CA TYR A 213 15.69 -0.34 1.06
C TYR A 213 15.19 -0.12 -0.38
N CYS A 214 14.29 -1.00 -0.83
CA CYS A 214 13.71 -0.93 -2.16
C CYS A 214 14.73 -0.87 -3.29
N ASP A 215 15.89 -1.46 -3.08
CA ASP A 215 16.95 -1.46 -4.08
C ASP A 215 16.50 -2.24 -5.30
N LYS A 216 16.79 -1.69 -6.48
CA LYS A 216 16.26 -2.27 -7.70
C LYS A 216 16.88 -3.64 -8.01
N SER A 217 18.21 -3.70 -7.84
CA SER A 217 19.04 -4.88 -8.13
C SER A 217 18.70 -6.17 -7.36
N CYS A 218 18.03 -6.03 -6.22
CA CYS A 218 17.54 -7.20 -5.45
C CYS A 218 16.07 -7.11 -5.09
N SER A 219 15.33 -6.33 -5.88
CA SER A 219 13.89 -6.24 -5.81
C SER A 219 13.18 -7.61 -5.89
N PRO A 220 11.90 -7.61 -5.49
CA PRO A 220 11.05 -8.79 -5.68
C PRO A 220 11.09 -9.33 -7.11
N SER A 221 10.76 -8.50 -8.08
CA SER A 221 10.92 -8.85 -9.50
C SER A 221 12.28 -9.37 -9.84
N ALA A 222 13.34 -8.67 -9.41
CA ALA A 222 14.70 -9.08 -9.81
C ALA A 222 14.98 -10.46 -9.30
N GLU A 223 14.58 -10.75 -8.05
CA GLU A 223 14.80 -12.07 -7.45
C GLU A 223 14.09 -13.25 -8.11
N PHE A 224 12.76 -13.19 -8.31
CA PHE A 224 12.06 -14.27 -9.09
C PHE A 224 12.74 -14.49 -10.43
N LEU A 225 13.07 -13.40 -11.11
CA LEU A 225 13.86 -13.48 -12.32
C LEU A 225 15.08 -14.39 -12.11
N ARG A 226 15.95 -14.04 -11.15
CA ARG A 226 17.10 -14.88 -10.79
C ARG A 226 16.67 -16.31 -10.48
N MET A 227 15.63 -16.47 -9.66
CA MET A 227 15.10 -17.80 -9.32
C MET A 227 14.36 -18.46 -10.50
N MET A 228 14.45 -17.83 -11.67
CA MET A 228 13.93 -18.35 -12.95
C MET A 228 12.46 -18.66 -12.86
N VAL A 234 7.31 -20.59 -20.61
CA VAL A 234 6.18 -20.85 -19.66
C VAL A 234 5.80 -19.50 -18.98
N PRO A 235 4.47 -19.19 -18.88
CA PRO A 235 4.02 -17.88 -18.37
C PRO A 235 4.55 -17.53 -16.98
N ALA A 236 5.09 -16.32 -16.85
CA ALA A 236 5.62 -15.82 -15.58
C ALA A 236 4.78 -16.16 -14.33
N LEU A 237 3.49 -15.86 -14.42
CA LEU A 237 2.51 -16.12 -13.37
C LEU A 237 2.50 -17.57 -12.94
N SER A 238 2.53 -18.46 -13.93
CA SER A 238 2.56 -19.89 -13.70
C SER A 238 3.83 -20.33 -12.96
N ARG A 239 5.00 -19.87 -13.44
CA ARG A 239 6.31 -20.14 -12.81
C ARG A 239 6.39 -19.63 -11.36
N LEU A 240 5.85 -18.44 -11.13
CA LEU A 240 5.87 -17.87 -9.80
C LEU A 240 5.01 -18.73 -8.87
N LEU A 241 3.90 -19.23 -9.41
CA LEU A 241 3.03 -20.17 -8.69
C LEU A 241 3.70 -21.49 -8.37
N GLU A 242 4.41 -22.08 -9.34
CA GLU A 242 5.18 -23.33 -9.11
C GLU A 242 6.19 -23.15 -7.99
N LEU A 243 7.04 -22.10 -8.10
CA LEU A 243 8.05 -21.76 -7.09
C LEU A 243 7.43 -21.67 -5.71
N LEU A 244 6.47 -20.77 -5.57
CA LEU A 244 5.82 -20.57 -4.29
C LEU A 244 5.15 -21.85 -3.73
N GLU A 245 4.87 -22.80 -4.60
CA GLU A 245 4.24 -24.05 -4.22
C GLU A 245 5.30 -25.03 -3.76
N GLU A 246 6.44 -25.05 -4.48
CA GLU A 246 7.63 -25.78 -4.07
C GLU A 246 8.15 -25.28 -2.73
N GLY A 247 7.77 -24.07 -2.34
CA GLY A 247 8.27 -23.46 -1.13
C GLY A 247 9.50 -22.56 -1.29
N GLN A 248 9.80 -22.13 -2.52
CA GLN A 248 10.81 -21.09 -2.71
C GLN A 248 10.27 -19.75 -2.19
N ARG A 249 11.15 -18.95 -1.60
CA ARG A 249 10.76 -17.68 -1.04
C ARG A 249 11.87 -16.67 -1.28
N LEU A 250 11.58 -15.36 -1.14
CA LEU A 250 12.65 -14.36 -1.21
C LEU A 250 13.68 -14.58 -0.09
N PRO A 251 14.97 -14.35 -0.37
CA PRO A 251 15.95 -14.63 0.67
C PRO A 251 16.03 -13.48 1.69
N ALA A 252 16.73 -13.70 2.79
CA ALA A 252 17.00 -12.63 3.73
C ALA A 252 17.62 -11.48 2.97
N PRO A 253 17.04 -10.27 3.04
CA PRO A 253 17.81 -9.15 2.43
C PRO A 253 19.22 -9.11 3.00
N PRO A 254 20.17 -8.53 2.24
CA PRO A 254 21.55 -8.40 2.77
C PRO A 254 21.49 -7.64 4.08
N ALA A 255 22.23 -8.12 5.07
CA ALA A 255 22.36 -7.45 6.39
C ALA A 255 21.06 -7.54 7.19
N CYS A 256 19.98 -7.98 6.59
CA CYS A 256 18.76 -8.21 7.32
C CYS A 256 19.00 -8.99 8.63
N PRO A 257 18.49 -8.48 9.76
CA PRO A 257 18.53 -9.30 10.98
C PRO A 257 17.56 -10.47 10.81
N ALA A 258 17.97 -11.63 11.31
CA ALA A 258 17.25 -12.90 11.10
C ALA A 258 15.81 -12.85 11.59
N GLU A 259 15.58 -12.48 12.85
CA GLU A 259 14.23 -12.34 13.44
C GLU A 259 13.21 -11.72 12.49
N VAL A 260 13.64 -10.76 11.70
CA VAL A 260 12.76 -10.11 10.71
C VAL A 260 12.49 -10.98 9.47
N HIS A 261 13.50 -11.73 9.05
CA HIS A 261 13.34 -12.66 7.95
C HIS A 261 12.25 -13.65 8.35
N GLU A 262 12.34 -14.18 9.58
CA GLU A 262 11.35 -15.15 10.10
C GLU A 262 9.93 -14.62 10.06
N LEU A 263 9.74 -13.37 10.49
CA LEU A 263 8.43 -12.74 10.35
C LEU A 263 7.99 -12.74 8.88
N MET A 264 8.91 -12.43 7.97
CA MET A 264 8.55 -12.47 6.56
C MET A 264 8.11 -13.86 6.17
N LYS A 265 8.96 -14.84 6.49
CA LYS A 265 8.68 -16.22 6.11
C LYS A 265 7.35 -16.66 6.68
N LEU A 266 7.02 -16.17 7.87
CA LEU A 266 5.76 -16.48 8.50
C LEU A 266 4.59 -15.86 7.76
N CYS A 267 4.79 -14.64 7.25
CA CYS A 267 3.78 -13.92 6.47
C CYS A 267 3.54 -14.67 5.18
N TRP A 268 4.53 -15.48 4.80
CA TRP A 268 4.51 -16.27 3.57
C TRP A 268 4.10 -17.74 3.79
N ALA A 269 3.48 -18.04 4.94
CA ALA A 269 2.85 -19.34 5.17
C ALA A 269 1.90 -19.68 4.02
N PRO A 270 2.05 -20.89 3.43
CA PRO A 270 1.29 -21.33 2.22
C PRO A 270 -0.22 -21.06 2.24
N SER A 271 -0.88 -21.37 3.35
CA SER A 271 -2.32 -21.23 3.47
C SER A 271 -2.66 -19.96 4.25
N PRO A 272 -3.70 -19.21 3.81
CA PRO A 272 -3.98 -17.94 4.47
C PRO A 272 -4.10 -18.09 5.99
N GLN A 273 -4.76 -19.16 6.44
CA GLN A 273 -5.07 -19.38 7.86
C GLN A 273 -3.88 -19.70 8.77
N ASP A 274 -2.69 -19.96 8.21
CA ASP A 274 -1.49 -20.08 9.06
C ASP A 274 -0.70 -18.78 9.18
N ARG A 275 -1.05 -17.80 8.35
CA ARG A 275 -0.44 -16.46 8.42
C ARG A 275 -0.88 -15.73 9.68
N PRO A 276 0.08 -15.08 10.36
CA PRO A 276 -0.32 -14.40 11.57
C PRO A 276 -1.12 -13.13 11.22
N SER A 277 -1.91 -12.64 12.17
CA SER A 277 -2.68 -11.45 11.96
C SER A 277 -1.78 -10.21 12.15
N PHE A 278 -2.26 -9.08 11.66
CA PHE A 278 -1.56 -7.84 11.92
C PHE A 278 -1.48 -7.57 13.42
N SER A 279 -2.54 -7.91 14.15
CA SER A 279 -2.56 -7.67 15.61
C SER A 279 -1.64 -8.63 16.38
N ALA A 280 -1.32 -9.79 15.78
CA ALA A 280 -0.20 -10.62 16.28
C ALA A 280 1.16 -10.00 15.90
N LEU A 281 1.33 -9.66 14.63
CA LEU A 281 2.56 -9.04 14.17
C LEU A 281 3.01 -7.81 14.95
N GLY A 282 2.05 -6.95 15.32
CA GLY A 282 2.37 -5.61 15.84
C GLY A 282 3.29 -5.58 17.06
N PRO A 283 2.98 -6.38 18.10
CA PRO A 283 3.81 -6.51 19.32
C PRO A 283 5.20 -7.05 19.04
N GLN A 284 5.28 -8.05 18.17
CA GLN A 284 6.57 -8.67 17.82
C GLN A 284 7.50 -7.64 17.19
N LEU A 285 6.96 -6.85 16.28
CA LEU A 285 7.72 -5.79 15.63
C LEU A 285 8.13 -4.75 16.66
N ASP A 286 7.20 -4.46 17.57
CA ASP A 286 7.44 -3.52 18.66
C ASP A 286 8.58 -4.02 19.53
N MET A 287 8.54 -5.30 19.89
CA MET A 287 9.65 -5.88 20.64
C MET A 287 10.97 -5.83 19.87
N LEU A 288 10.89 -6.02 18.56
CA LEU A 288 12.09 -5.97 17.74
C LEU A 288 12.67 -4.57 17.73
N TRP A 289 11.80 -3.58 17.56
CA TRP A 289 12.18 -2.16 17.54
C TRP A 289 12.84 -1.65 18.81
N SER A 290 12.41 -2.19 19.96
CA SER A 290 13.06 -1.91 21.24
C SER A 290 14.18 -2.89 21.50
N GLY A 291 14.48 -3.73 20.50
CA GLY A 291 15.53 -4.74 20.57
C GLY A 291 16.86 -4.29 19.99
N SER A 292 16.86 -3.90 18.71
CA SER A 292 18.02 -3.21 18.09
C SER A 292 18.49 -2.06 19.00
N ARG A 293 17.55 -1.19 19.37
CA ARG A 293 17.61 -0.26 20.54
C ARG A 293 16.65 0.94 20.36
#